data_6WVI
#
_entry.id   6WVI
#
_cell.length_a   153.639
_cell.length_b   49.064
_cell.length_c   84.326
_cell.angle_alpha   90.000
_cell.angle_beta   112.730
_cell.angle_gamma   90.000
#
_symmetry.space_group_name_H-M   'C 1 2 1'
#
loop_
_entity.id
_entity.type
_entity.pdbx_description
1 polymer 'Vitamin K epoxide reductase-like protein, termini restrained by green fluorescent protein'
2 non-polymer '(2R)-2,3-dihydroxypropyl (9Z)-octadec-9-enoate'
3 water water
#
_entity_poly.entity_id   1
_entity_poly.type   'polypeptide(L)'
_entity_poly.pdbx_seq_one_letter_code
;MSKGEELFTGVVPILVELDGDVNGHKFSVRGEGEGDATNGKLTLKFICTTGKLPVPWPTLVTTL(CRO)VQCFSRYPDHM
KRHDFFKSAMPEGYVQERTISFKDDGTYKTRAEVKFEGDTLVNRIELKGIDFKEDGNILGHKLEYNLRVSTPRWERIARV
LVCLLGILLSLYAFHVEREHARDPSYKALCDVSSSISCSKVFGSRWGRGFGLLGSIFGNDSALNQPNSVYGIVFYAFQLL
LGMTVSAMAALILMTTSIMSVVGSLYLGYILYFVLKDLCVICVTTYALNFILFVLNYKRLVYLNEAWKQKLQAKQDNSHN
VYITADKQKNGIKANFKIRHNVEDGSVQLADHYQQNTPIGDGPVLLPDNHYLSTQSVLSKDPNEKRDHMVLLEFVTAAGI
THGMDELYKSNSLEVLFQ
;
_entity_poly.pdbx_strand_id   A
#
loop_
_chem_comp.id
_chem_comp.type
_chem_comp.name
_chem_comp.formula
OLC non-polymer '(2R)-2,3-dihydroxypropyl (9Z)-octadec-9-enoate' 'C21 H40 O4'
#
# COMPACT_ATOMS: atom_id res chain seq x y z
N MET A 1 -7.42 -23.88 16.23
CA MET A 1 -7.91 -23.99 17.60
C MET A 1 -9.40 -23.71 17.69
N SER A 2 -9.98 -23.97 18.87
CA SER A 2 -11.38 -23.72 19.20
C SER A 2 -12.35 -24.61 18.43
N LYS A 3 -13.53 -24.82 19.00
CA LYS A 3 -14.57 -25.58 18.30
C LYS A 3 -15.03 -24.87 17.04
N GLY A 4 -15.09 -23.54 17.05
CA GLY A 4 -15.67 -22.80 15.93
C GLY A 4 -15.00 -23.09 14.60
N GLU A 5 -13.71 -23.43 14.61
CA GLU A 5 -13.00 -23.71 13.37
C GLU A 5 -13.57 -24.94 12.67
N GLU A 6 -13.97 -25.94 13.44
CA GLU A 6 -14.52 -27.17 12.87
C GLU A 6 -15.75 -26.89 11.99
N LEU A 7 -16.38 -25.74 12.15
CA LEU A 7 -17.55 -25.37 11.35
C LEU A 7 -17.19 -24.89 9.96
N PHE A 8 -15.90 -24.70 9.64
CA PHE A 8 -15.51 -24.12 8.36
C PHE A 8 -14.66 -25.09 7.53
N THR A 9 -14.80 -26.40 7.76
CA THR A 9 -14.01 -27.37 7.02
C THR A 9 -14.53 -27.61 5.61
N GLY A 10 -15.78 -27.27 5.33
CA GLY A 10 -16.34 -27.43 4.00
C GLY A 10 -16.84 -26.12 3.42
N VAL A 11 -17.83 -26.19 2.53
CA VAL A 11 -18.45 -25.01 1.93
C VAL A 11 -19.61 -24.57 2.82
N VAL A 12 -19.67 -23.29 3.14
CA VAL A 12 -20.69 -22.76 4.04
C VAL A 12 -21.54 -21.74 3.28
N PRO A 13 -22.85 -21.94 3.21
CA PRO A 13 -23.73 -20.89 2.65
C PRO A 13 -23.62 -19.60 3.44
N ILE A 14 -23.75 -18.48 2.71
CA ILE A 14 -23.60 -17.14 3.26
C ILE A 14 -24.83 -16.33 2.90
N LEU A 15 -25.33 -15.56 3.87
CA LEU A 15 -26.34 -14.55 3.65
C LEU A 15 -25.85 -13.23 4.23
N VAL A 16 -26.08 -12.13 3.51
CA VAL A 16 -25.69 -10.80 3.94
C VAL A 16 -26.88 -9.87 3.75
N GLU A 17 -27.21 -9.10 4.78
CA GLU A 17 -28.30 -8.15 4.73
C GLU A 17 -27.79 -6.81 5.28
N LEU A 18 -27.95 -5.75 4.50
CA LEU A 18 -27.47 -4.43 4.88
C LEU A 18 -28.60 -3.43 4.73
N ASP A 19 -28.81 -2.62 5.78
CA ASP A 19 -29.65 -1.45 5.72
C ASP A 19 -28.76 -0.22 5.90
N GLY A 20 -28.91 0.76 5.02
CA GLY A 20 -28.00 1.88 4.99
C GLY A 20 -28.72 3.21 4.83
N ASP A 21 -28.00 4.26 5.21
CA ASP A 21 -28.46 5.64 5.17
C ASP A 21 -27.24 6.51 4.92
N VAL A 22 -27.12 7.05 3.71
CA VAL A 22 -26.00 7.91 3.34
C VAL A 22 -26.57 9.27 2.96
N ASN A 23 -26.26 10.29 3.76
CA ASN A 23 -26.79 11.64 3.56
C ASN A 23 -28.30 11.64 3.40
N GLY A 24 -28.96 10.77 4.18
CA GLY A 24 -30.41 10.68 4.15
C GLY A 24 -30.97 9.71 3.14
N HIS A 25 -30.16 9.21 2.19
CA HIS A 25 -30.64 8.24 1.22
C HIS A 25 -30.63 6.85 1.85
N LYS A 26 -31.81 6.22 1.89
CA LYS A 26 -31.97 4.91 2.52
C LYS A 26 -31.92 3.81 1.47
N PHE A 27 -31.28 2.70 1.81
CA PHE A 27 -31.17 1.63 0.83
C PHE A 27 -30.95 0.30 1.52
N SER A 28 -31.27 -0.76 0.79
CA SER A 28 -31.13 -2.13 1.27
C SER A 28 -30.33 -2.93 0.27
N VAL A 29 -29.40 -3.73 0.78
CA VAL A 29 -28.59 -4.64 -0.01
C VAL A 29 -28.81 -6.04 0.54
N ARG A 30 -29.03 -7.01 -0.36
CA ARG A 30 -29.12 -8.41 0.03
C ARG A 30 -28.16 -9.24 -0.80
N GLY A 31 -27.39 -10.08 -0.13
CA GLY A 31 -26.37 -10.87 -0.78
C GLY A 31 -26.43 -12.32 -0.35
N GLU A 32 -26.15 -13.20 -1.30
CA GLU A 32 -26.08 -14.61 -0.97
C GLU A 32 -24.92 -15.26 -1.70
N GLY A 33 -24.47 -16.37 -1.16
CA GLY A 33 -23.41 -17.11 -1.84
C GLY A 33 -22.81 -18.17 -0.94
N GLU A 34 -21.50 -18.36 -1.09
CA GLU A 34 -20.89 -19.42 -0.31
C GLU A 34 -19.43 -19.10 -0.04
N GLY A 35 -18.89 -19.76 0.97
CA GLY A 35 -17.53 -19.51 1.41
C GLY A 35 -16.80 -20.81 1.70
N ASP A 36 -15.49 -20.79 1.46
CA ASP A 36 -14.61 -21.94 1.58
C ASP A 36 -13.35 -21.47 2.31
N ALA A 37 -13.35 -21.61 3.63
CA ALA A 37 -12.24 -21.14 4.43
C ALA A 37 -10.95 -21.92 4.16
N THR A 38 -11.05 -23.16 3.68
CA THR A 38 -9.84 -23.90 3.37
C THR A 38 -9.10 -23.28 2.19
N ASN A 39 -9.81 -22.63 1.28
CA ASN A 39 -9.16 -21.91 0.20
C ASN A 39 -9.14 -20.41 0.44
N GLY A 40 -9.74 -19.94 1.53
CA GLY A 40 -9.92 -18.50 1.72
C GLY A 40 -10.73 -17.87 0.62
N LYS A 41 -11.75 -18.57 0.13
CA LYS A 41 -12.49 -18.16 -1.06
C LYS A 41 -13.92 -17.78 -0.68
N LEU A 42 -14.37 -16.63 -1.18
CA LEU A 42 -15.77 -16.20 -1.07
C LEU A 42 -16.32 -16.00 -2.47
N THR A 43 -17.56 -16.49 -2.70
CA THR A 43 -18.29 -16.30 -3.96
C THR A 43 -19.66 -15.73 -3.62
N LEU A 44 -19.89 -14.45 -3.92
CA LEU A 44 -21.12 -13.81 -3.46
C LEU A 44 -21.73 -12.95 -4.55
N LYS A 45 -23.06 -12.78 -4.47
CA LYS A 45 -23.79 -11.85 -5.33
C LYS A 45 -24.70 -10.98 -4.46
N PHE A 46 -24.62 -9.66 -4.66
CA PHE A 46 -25.38 -8.67 -3.92
C PHE A 46 -26.30 -7.92 -4.87
N ILE A 47 -27.54 -7.68 -4.44
CA ILE A 47 -28.49 -6.87 -5.20
C ILE A 47 -29.01 -5.76 -4.29
N CYS A 48 -29.13 -4.57 -4.83
CA CYS A 48 -29.82 -3.49 -4.13
C CYS A 48 -31.31 -3.71 -4.32
N THR A 49 -32.00 -4.02 -3.23
CA THR A 49 -33.43 -4.32 -3.27
C THR A 49 -34.31 -3.07 -3.25
N THR A 50 -33.71 -1.87 -3.22
CA THR A 50 -34.48 -0.63 -3.14
C THR A 50 -34.17 0.28 -4.32
N GLY A 51 -33.92 -0.28 -5.50
CA GLY A 51 -33.66 0.53 -6.67
C GLY A 51 -32.17 0.78 -6.92
N LYS A 52 -31.81 1.98 -7.35
CA LYS A 52 -30.42 2.27 -7.63
C LYS A 52 -29.65 2.52 -6.34
N LEU A 53 -28.39 2.21 -6.37
CA LEU A 53 -27.56 2.39 -5.20
C LEU A 53 -27.04 3.82 -5.15
N PRO A 54 -27.12 4.49 -4.00
CA PRO A 54 -26.64 5.88 -3.93
C PRO A 54 -25.13 6.02 -3.81
N VAL A 55 -24.41 4.95 -3.45
CA VAL A 55 -22.96 5.01 -3.33
C VAL A 55 -22.37 3.98 -4.30
N PRO A 56 -21.08 4.10 -4.63
CA PRO A 56 -20.47 3.10 -5.51
C PRO A 56 -20.30 1.76 -4.82
N TRP A 57 -20.61 0.70 -5.56
CA TRP A 57 -20.43 -0.65 -5.03
C TRP A 57 -19.06 -0.90 -4.42
N PRO A 58 -17.93 -0.46 -4.99
CA PRO A 58 -16.63 -0.74 -4.33
C PRO A 58 -16.51 -0.12 -2.95
N THR A 59 -17.23 0.95 -2.63
CA THR A 59 -17.12 1.48 -1.28
C THR A 59 -17.85 0.62 -0.25
N LEU A 60 -18.67 -0.34 -0.69
CA LEU A 60 -19.39 -1.21 0.22
C LEU A 60 -18.74 -2.57 0.41
N VAL A 61 -17.64 -2.86 -0.32
CA VAL A 61 -17.04 -4.18 -0.28
C VAL A 61 -16.59 -4.56 1.14
N THR A 62 -15.89 -3.65 1.81
CA THR A 62 -15.34 -4.03 3.11
C THR A 62 -16.43 -4.21 4.16
N THR A 63 -17.54 -3.48 4.02
CA THR A 63 -18.67 -3.67 4.92
C THR A 63 -19.39 -5.00 4.64
N LEU A 64 -19.71 -5.27 3.39
CA LEU A 64 -20.46 -6.48 3.02
C LEU A 64 -19.65 -7.74 3.30
N1 CRO A 65 -18.27 -7.70 2.95
CA1 CRO A 65 -17.47 -8.91 3.19
CB1 CRO A 65 -16.94 -9.53 1.89
CG1 CRO A 65 -18.13 -10.04 1.09
OG1 CRO A 65 -16.21 -8.61 1.12
C1 CRO A 65 -16.34 -8.40 4.05
N2 CRO A 65 -15.06 -8.07 3.61
N3 CRO A 65 -16.53 -8.16 5.46
C2 CRO A 65 -15.23 -7.65 5.94
O2 CRO A 65 -14.97 -7.35 7.04
CA2 CRO A 65 -14.30 -7.60 4.72
CA3 CRO A 65 -17.74 -8.39 6.22
C3 CRO A 65 -17.62 -9.71 6.97
O3 CRO A 65 -18.07 -9.84 8.13
CB2 CRO A 65 -13.06 -7.20 4.75
CG2 CRO A 65 -12.26 -6.68 3.55
CD1 CRO A 65 -12.65 -6.92 2.23
CD2 CRO A 65 -11.10 -5.97 3.82
CE1 CRO A 65 -11.88 -6.42 1.20
CE2 CRO A 65 -10.32 -5.48 2.78
CZ CRO A 65 -10.72 -5.70 1.46
OH CRO A 65 -9.93 -5.21 0.42
N VAL A 66 -16.81 -10.69 6.32
CA VAL A 66 -17.00 -11.98 6.97
C VAL A 66 -15.65 -12.65 7.01
N GLN A 67 -14.78 -12.09 7.84
CA GLN A 67 -13.39 -12.49 7.87
C GLN A 67 -13.18 -13.86 8.49
N CYS A 68 -14.25 -14.49 9.00
CA CYS A 68 -14.14 -15.89 9.39
C CYS A 68 -13.99 -16.84 8.21
N PHE A 69 -13.97 -16.36 6.96
CA PHE A 69 -13.66 -17.25 5.86
C PHE A 69 -12.22 -17.06 5.37
N SER A 70 -11.43 -16.22 6.03
CA SER A 70 -10.02 -16.12 5.72
C SER A 70 -9.32 -17.45 5.95
N ARG A 71 -8.33 -17.75 5.12
CA ARG A 71 -7.53 -18.94 5.31
C ARG A 71 -6.40 -18.63 6.29
N TYR A 72 -6.41 -19.30 7.44
CA TYR A 72 -5.30 -19.19 8.39
C TYR A 72 -4.40 -20.39 8.25
N PRO A 73 -3.13 -20.19 7.90
CA PRO A 73 -2.18 -21.32 7.90
C PRO A 73 -2.09 -21.93 9.29
N ASP A 74 -1.82 -23.24 9.32
CA ASP A 74 -1.87 -23.97 10.58
C ASP A 74 -0.96 -23.35 11.64
N HIS A 75 0.16 -22.77 11.23
CA HIS A 75 1.04 -22.09 12.17
C HIS A 75 0.34 -20.93 12.85
N MET A 76 -0.48 -20.19 12.10
CA MET A 76 -1.18 -19.01 12.59
C MET A 76 -2.57 -19.33 13.13
N LYS A 77 -2.88 -20.61 13.33
CA LYS A 77 -4.27 -20.97 13.60
C LYS A 77 -4.71 -20.52 14.99
N ARG A 78 -3.78 -20.46 15.94
CA ARG A 78 -4.09 -19.93 17.26
C ARG A 78 -4.22 -18.41 17.28
N HIS A 79 -4.18 -17.74 16.12
CA HIS A 79 -4.41 -16.31 16.05
C HIS A 79 -5.71 -15.96 15.33
N ASP A 80 -6.58 -16.94 15.08
CA ASP A 80 -7.80 -16.72 14.31
C ASP A 80 -8.94 -16.45 15.28
N PHE A 81 -9.20 -15.16 15.52
CA PHE A 81 -10.27 -14.77 16.43
C PHE A 81 -11.64 -15.10 15.87
N PHE A 82 -11.82 -14.90 14.56
CA PHE A 82 -13.15 -14.89 13.96
C PHE A 82 -13.81 -16.27 14.00
N LYS A 83 -13.05 -17.31 13.71
CA LYS A 83 -13.63 -18.64 13.80
C LYS A 83 -13.83 -19.06 15.25
N SER A 84 -12.96 -18.61 16.15
CA SER A 84 -13.08 -19.01 17.55
C SER A 84 -14.32 -18.45 18.20
N ALA A 85 -14.84 -17.31 17.72
CA ALA A 85 -16.08 -16.75 18.23
C ALA A 85 -17.33 -17.46 17.70
N MET A 86 -17.17 -18.43 16.82
CA MET A 86 -18.34 -19.07 16.25
C MET A 86 -18.73 -20.30 17.08
N PRO A 87 -20.02 -20.70 17.08
CA PRO A 87 -21.13 -20.22 16.25
C PRO A 87 -21.87 -18.98 16.80
N GLU A 88 -21.65 -18.62 18.06
CA GLU A 88 -22.29 -17.43 18.62
C GLU A 88 -21.91 -16.16 17.86
N GLY A 89 -20.71 -16.11 17.28
CA GLY A 89 -20.36 -15.03 16.38
C GLY A 89 -19.80 -13.80 17.05
N TYR A 90 -19.75 -12.71 16.29
CA TYR A 90 -19.14 -11.50 16.81
C TYR A 90 -19.82 -10.27 16.24
N VAL A 91 -19.67 -9.17 16.98
CA VAL A 91 -20.05 -7.85 16.51
C VAL A 91 -18.81 -7.19 15.88
N GLN A 92 -18.99 -6.65 14.68
CA GLN A 92 -17.95 -5.94 13.96
C GLN A 92 -18.42 -4.51 13.75
N GLU A 93 -17.64 -3.55 14.25
CA GLU A 93 -17.96 -2.13 14.13
C GLU A 93 -16.83 -1.44 13.40
N ARG A 94 -17.20 -0.56 12.48
CA ARG A 94 -16.18 0.17 11.72
C ARG A 94 -16.55 1.63 11.60
N THR A 95 -15.50 2.45 11.56
CA THR A 95 -15.59 3.81 11.07
C THR A 95 -14.67 3.90 9.88
N ILE A 96 -15.17 4.45 8.78
CA ILE A 96 -14.44 4.52 7.52
C ILE A 96 -14.46 5.97 7.08
N SER A 97 -13.31 6.61 7.09
CA SER A 97 -13.19 8.02 6.73
C SER A 97 -12.72 8.11 5.28
N PHE A 98 -13.50 8.77 4.45
CA PHE A 98 -13.10 9.02 3.08
C PHE A 98 -12.45 10.39 3.05
N LYS A 99 -11.19 10.45 2.65
CA LYS A 99 -10.44 11.69 2.71
C LYS A 99 -11.17 12.78 1.93
N ASP A 100 -11.26 13.96 2.54
CA ASP A 100 -11.91 15.12 1.94
C ASP A 100 -13.37 14.86 1.60
N ASP A 101 -14.00 13.96 2.34
CA ASP A 101 -15.38 13.57 2.03
C ASP A 101 -15.98 13.01 3.32
N GLY A 102 -17.09 12.30 3.21
CA GLY A 102 -17.83 11.85 4.36
C GLY A 102 -17.25 10.62 5.03
N THR A 103 -18.08 10.01 5.88
CA THR A 103 -17.69 8.95 6.79
C THR A 103 -18.78 7.89 6.84
N TYR A 104 -18.40 6.62 6.81
CA TYR A 104 -19.29 5.49 7.11
C TYR A 104 -19.10 5.04 8.55
N LYS A 105 -20.21 4.85 9.25
CA LYS A 105 -20.22 4.15 10.53
C LYS A 105 -21.04 2.90 10.34
N THR A 106 -20.46 1.75 10.70
CA THR A 106 -21.16 0.50 10.47
C THR A 106 -21.10 -0.36 11.72
N ARG A 107 -22.17 -1.12 11.91
CA ARG A 107 -22.27 -2.10 12.98
C ARG A 107 -22.90 -3.35 12.41
N ALA A 108 -22.28 -4.50 12.67
CA ALA A 108 -22.70 -5.75 12.07
C ALA A 108 -22.65 -6.84 13.13
N GLU A 109 -23.57 -7.79 13.01
CA GLU A 109 -23.50 -9.04 13.75
C GLU A 109 -23.23 -10.16 12.74
N VAL A 110 -22.21 -10.95 13.01
CA VAL A 110 -21.82 -12.07 12.18
C VAL A 110 -22.02 -13.32 13.01
N LYS A 111 -22.93 -14.19 12.57
CA LYS A 111 -23.19 -15.38 13.36
C LYS A 111 -23.75 -16.47 12.47
N PHE A 112 -23.76 -17.69 13.00
CA PHE A 112 -24.41 -18.81 12.33
C PHE A 112 -25.88 -18.82 12.69
N GLU A 113 -26.73 -18.96 11.69
CA GLU A 113 -28.13 -19.31 11.85
C GLU A 113 -28.34 -20.62 11.11
N GLY A 114 -28.55 -21.69 11.86
CA GLY A 114 -28.59 -23.02 11.28
C GLY A 114 -27.30 -23.33 10.54
N ASP A 115 -27.45 -23.60 9.24
CA ASP A 115 -26.34 -23.94 8.36
C ASP A 115 -25.67 -22.72 7.77
N THR A 116 -26.29 -21.55 7.86
CA THR A 116 -25.88 -20.37 7.10
C THR A 116 -25.09 -19.42 7.98
N LEU A 117 -23.96 -18.95 7.47
CA LEU A 117 -23.26 -17.82 8.08
C LEU A 117 -23.94 -16.54 7.61
N VAL A 118 -24.44 -15.76 8.57
CA VAL A 118 -25.24 -14.56 8.31
C VAL A 118 -24.47 -13.34 8.79
N ASN A 119 -24.44 -12.31 7.95
CA ASN A 119 -23.83 -11.02 8.25
C ASN A 119 -24.93 -9.97 8.16
N ARG A 120 -25.36 -9.44 9.30
CA ARG A 120 -26.42 -8.45 9.33
C ARG A 120 -25.86 -7.09 9.72
N ILE A 121 -26.07 -6.09 8.86
CA ILE A 121 -25.33 -4.83 8.88
C ILE A 121 -26.29 -3.65 8.90
N GLU A 122 -26.02 -2.70 9.80
CA GLU A 122 -26.57 -1.35 9.73
C GLU A 122 -25.44 -0.39 9.42
N LEU A 123 -25.69 0.56 8.50
CA LEU A 123 -24.69 1.47 7.99
C LEU A 123 -25.27 2.87 7.92
N LYS A 124 -24.52 3.85 8.41
CA LYS A 124 -24.91 5.24 8.22
C LYS A 124 -23.75 6.02 7.63
N GLY A 125 -24.03 6.80 6.58
CA GLY A 125 -23.03 7.65 5.96
C GLY A 125 -23.37 9.11 6.23
N ILE A 126 -22.35 9.91 6.52
CA ILE A 126 -22.56 11.31 6.89
C ILE A 126 -21.50 12.20 6.24
N ASP A 127 -21.92 13.43 5.94
CA ASP A 127 -21.01 14.51 5.54
C ASP A 127 -20.36 14.23 4.19
N PHE A 128 -21.10 13.58 3.30
CA PHE A 128 -20.60 13.31 1.95
C PHE A 128 -20.95 14.45 1.01
N LYS A 129 -20.02 14.76 0.11
CA LYS A 129 -20.20 15.82 -0.86
C LYS A 129 -21.08 15.38 -2.01
N GLU A 130 -22.00 16.26 -2.43
CA GLU A 130 -22.93 15.92 -3.51
C GLU A 130 -22.19 15.67 -4.82
N ASP A 131 -21.06 16.34 -5.06
CA ASP A 131 -20.27 16.15 -6.26
C ASP A 131 -18.89 15.58 -5.94
N GLY A 132 -18.75 14.90 -4.80
CA GLY A 132 -17.53 14.19 -4.49
C GLY A 132 -17.41 12.92 -5.30
N ASN A 133 -16.37 12.15 -5.00
CA ASN A 133 -16.17 10.89 -5.72
C ASN A 133 -17.18 9.84 -5.33
N ILE A 134 -17.83 9.95 -4.18
CA ILE A 134 -18.69 8.88 -3.70
C ILE A 134 -20.13 9.12 -4.17
N LEU A 135 -20.74 10.23 -3.73
CA LEU A 135 -22.09 10.52 -4.23
C LEU A 135 -22.09 10.86 -5.72
N GLY A 136 -20.96 11.28 -6.26
CA GLY A 136 -20.84 11.50 -7.68
C GLY A 136 -20.62 10.26 -8.52
N HIS A 137 -20.41 9.09 -7.91
CA HIS A 137 -20.21 7.85 -8.66
C HIS A 137 -19.05 7.99 -9.65
N LYS A 138 -17.90 8.40 -9.12
CA LYS A 138 -16.73 8.64 -9.95
C LYS A 138 -15.61 7.65 -9.64
N LEU A 139 -15.93 6.56 -8.94
CA LEU A 139 -14.96 5.53 -8.63
C LEU A 139 -15.03 4.42 -9.65
N GLU A 140 -13.88 3.83 -9.97
CA GLU A 140 -13.86 2.71 -10.88
C GLU A 140 -14.50 1.49 -10.24
N TYR A 141 -15.01 0.60 -11.09
CA TYR A 141 -15.67 -0.61 -10.60
C TYR A 141 -14.65 -1.72 -10.49
N ASN A 142 -13.87 -1.67 -9.40
CA ASN A 142 -12.87 -2.68 -9.07
C ASN A 142 -12.28 -2.32 -7.72
N LEU A 143 -11.29 -3.10 -7.28
CA LEU A 143 -10.53 -2.84 -6.07
C LEU A 143 -9.05 -3.10 -6.32
N ARG A 144 -8.55 -2.61 -7.43
CA ARG A 144 -7.23 -3.01 -7.90
C ARG A 144 -6.14 -2.21 -7.21
N VAL A 145 -4.90 -2.65 -7.38
CA VAL A 145 -3.73 -1.90 -6.96
C VAL A 145 -3.01 -1.46 -8.22
N SER A 146 -2.96 -0.14 -8.45
CA SER A 146 -2.39 0.41 -9.67
C SER A 146 -0.93 0.00 -9.84
N THR A 147 -0.07 0.31 -8.84
CA THR A 147 1.29 -0.19 -8.95
C THR A 147 1.51 -1.34 -7.97
N PRO A 148 2.25 -2.38 -8.38
CA PRO A 148 2.57 -3.46 -7.43
C PRO A 148 3.20 -2.91 -6.16
N ARG A 149 2.90 -3.57 -5.04
CA ARG A 149 3.29 -3.04 -3.74
C ARG A 149 4.80 -3.02 -3.55
N TRP A 150 5.51 -4.05 -4.03
CA TRP A 150 6.95 -4.11 -3.83
C TRP A 150 7.67 -2.97 -4.53
N GLU A 151 7.19 -2.58 -5.71
CA GLU A 151 7.76 -1.44 -6.42
C GLU A 151 7.56 -0.15 -5.63
N ARG A 152 6.39 0.02 -5.02
CA ARG A 152 6.14 1.22 -4.22
C ARG A 152 7.09 1.30 -3.03
N ILE A 153 7.26 0.19 -2.32
CA ILE A 153 8.13 0.20 -1.15
C ILE A 153 9.59 0.39 -1.58
N ALA A 154 10.00 -0.30 -2.65
CA ALA A 154 11.36 -0.14 -3.14
C ALA A 154 11.64 1.29 -3.56
N ARG A 155 10.68 1.92 -4.25
CA ARG A 155 10.85 3.30 -4.67
C ARG A 155 10.99 4.23 -3.48
N VAL A 156 10.10 4.09 -2.48
CA VAL A 156 10.21 4.99 -1.35
C VAL A 156 11.52 4.76 -0.60
N LEU A 157 11.95 3.51 -0.46
CA LEU A 157 13.17 3.24 0.29
C LEU A 157 14.40 3.79 -0.44
N VAL A 158 14.47 3.57 -1.75
CA VAL A 158 15.61 4.09 -2.51
C VAL A 158 15.63 5.61 -2.45
N CYS A 159 14.46 6.26 -2.61
CA CYS A 159 14.46 7.73 -2.60
C CYS A 159 14.79 8.28 -1.21
N LEU A 160 14.32 7.63 -0.15
CA LEU A 160 14.66 8.08 1.20
C LEU A 160 16.16 7.96 1.46
N LEU A 161 16.74 6.83 1.09
CA LEU A 161 18.19 6.69 1.24
CA LEU A 161 18.18 6.68 1.23
C LEU A 161 18.93 7.72 0.40
N GLY A 162 18.45 7.98 -0.83
CA GLY A 162 19.10 8.98 -1.67
C GLY A 162 19.03 10.37 -1.07
N ILE A 163 17.89 10.73 -0.49
CA ILE A 163 17.77 12.02 0.16
C ILE A 163 18.71 12.12 1.35
N LEU A 164 18.80 11.05 2.15
CA LEU A 164 19.69 11.08 3.31
C LEU A 164 21.16 11.17 2.89
N LEU A 165 21.55 10.41 1.86
CA LEU A 165 22.94 10.45 1.41
C LEU A 165 23.26 11.80 0.78
N SER A 166 22.30 12.41 0.10
CA SER A 166 22.53 13.73 -0.47
C SER A 166 22.66 14.77 0.63
N LEU A 167 21.83 14.68 1.67
CA LEU A 167 21.95 15.61 2.78
C LEU A 167 23.30 15.46 3.47
N TYR A 168 23.73 14.22 3.68
CA TYR A 168 25.03 14.00 4.29
C TYR A 168 26.16 14.54 3.40
N ALA A 169 26.09 14.30 2.10
CA ALA A 169 27.09 14.83 1.18
C ALA A 169 27.12 16.35 1.23
N PHE A 170 25.95 16.98 1.30
CA PHE A 170 25.87 18.43 1.43
C PHE A 170 26.53 18.89 2.72
N HIS A 171 26.25 18.21 3.83
CA HIS A 171 26.87 18.53 5.10
C HIS A 171 28.39 18.44 5.02
N VAL A 172 28.89 17.40 4.37
CA VAL A 172 30.34 17.23 4.23
C VAL A 172 30.93 18.34 3.37
N GLU A 173 30.25 18.69 2.28
CA GLU A 173 30.71 19.77 1.41
C GLU A 173 30.79 21.09 2.19
N ARG A 174 29.79 21.39 3.01
CA ARG A 174 29.70 22.69 3.66
C ARG A 174 30.59 22.80 4.89
N GLU A 175 30.62 21.77 5.72
CA GLU A 175 31.17 21.86 7.07
C GLU A 175 32.44 21.03 7.27
N HIS A 176 32.85 20.24 6.28
CA HIS A 176 34.03 19.40 6.43
C HIS A 176 35.07 19.60 5.32
N ALA A 177 34.63 19.68 4.07
CA ALA A 177 35.55 19.55 2.93
C ALA A 177 36.60 20.64 2.84
N ARG A 178 36.37 21.81 3.45
CA ARG A 178 37.35 22.89 3.34
C ARG A 178 38.37 22.92 4.46
N ASP A 179 38.18 22.13 5.53
CA ASP A 179 39.19 22.15 6.58
C ASP A 179 40.44 21.40 6.13
N PRO A 180 41.64 21.90 6.47
CA PRO A 180 42.85 21.13 6.14
C PRO A 180 42.98 19.84 6.92
N SER A 181 42.44 19.78 8.14
CA SER A 181 42.44 18.51 8.86
C SER A 181 41.66 17.45 8.09
N TYR A 182 40.66 17.86 7.30
CA TYR A 182 39.91 16.91 6.48
C TYR A 182 40.84 16.24 5.47
N LYS A 183 41.61 17.02 4.72
CA LYS A 183 42.61 16.46 3.84
C LYS A 183 43.56 15.53 4.59
N ALA A 184 44.16 16.04 5.69
CA ALA A 184 45.17 15.26 6.40
C ALA A 184 44.62 13.92 6.87
N LEU A 185 43.38 13.91 7.36
CA LEU A 185 42.78 12.70 7.91
C LEU A 185 42.27 11.76 6.82
N CYS A 186 41.86 12.30 5.66
CA CYS A 186 41.48 11.42 4.56
C CYS A 186 42.70 10.75 3.94
N ASP A 187 43.85 11.41 3.98
CA ASP A 187 45.07 10.82 3.43
C ASP A 187 45.63 9.70 4.28
N VAL A 188 45.02 9.34 5.41
CA VAL A 188 45.59 8.34 6.31
C VAL A 188 44.49 7.41 6.81
N SER A 189 43.26 7.68 6.39
CA SER A 189 42.14 6.92 6.95
C SER A 189 41.08 6.72 5.87
N SER A 190 40.47 5.55 5.89
CA SER A 190 39.38 5.21 5.00
C SER A 190 38.07 5.50 5.72
N SER A 191 37.38 6.55 5.31
CA SER A 191 36.12 6.94 5.91
C SER A 191 35.08 7.16 4.84
N ILE A 192 33.82 6.94 5.20
CA ILE A 192 32.71 7.18 4.29
C ILE A 192 32.57 8.67 3.99
N SER A 193 33.10 9.51 4.87
CA SER A 193 33.10 10.95 4.68
C SER A 193 34.22 11.46 3.77
N CYS A 194 35.16 10.60 3.38
CA CYS A 194 36.36 11.02 2.66
C CYS A 194 36.19 10.83 1.16
N SER A 195 36.29 11.94 0.42
CA SER A 195 36.26 11.89 -1.03
C SER A 195 36.91 13.15 -1.60
N LYS A 196 37.63 12.99 -2.70
CA LYS A 196 38.31 14.10 -3.34
C LYS A 196 37.39 14.90 -4.28
N VAL A 197 36.15 14.47 -4.49
CA VAL A 197 35.26 15.20 -5.38
C VAL A 197 34.59 16.40 -4.72
N PHE A 198 34.40 16.38 -3.40
CA PHE A 198 33.69 17.46 -2.73
C PHE A 198 34.40 18.80 -2.95
N GLY A 199 35.69 18.87 -2.61
CA GLY A 199 36.46 20.05 -2.92
C GLY A 199 37.15 19.91 -4.27
N SER A 200 36.36 19.91 -5.34
CA SER A 200 36.87 19.62 -6.68
C SER A 200 36.02 20.34 -7.72
N ARG A 201 36.50 20.27 -8.96
CA ARG A 201 35.79 20.86 -10.11
C ARG A 201 34.41 20.23 -10.27
N TRP A 202 34.30 18.92 -10.03
CA TRP A 202 33.05 18.22 -10.26
C TRP A 202 32.10 18.30 -9.08
N GLY A 203 32.51 18.94 -7.99
CA GLY A 203 31.64 19.07 -6.83
C GLY A 203 30.50 20.03 -7.05
N ARG A 204 30.69 21.02 -7.92
CA ARG A 204 29.65 22.00 -8.26
C ARG A 204 29.17 21.72 -9.67
N GLY A 205 27.87 21.54 -9.83
CA GLY A 205 27.28 21.38 -11.15
C GLY A 205 27.82 20.22 -11.95
N PHE A 206 28.45 19.23 -11.30
CA PHE A 206 29.02 18.07 -11.94
C PHE A 206 30.20 18.41 -12.85
N GLY A 207 30.81 19.56 -12.65
CA GLY A 207 31.97 19.94 -13.45
C GLY A 207 31.59 20.70 -14.70
N LEU A 208 30.53 20.26 -15.36
CA LEU A 208 29.98 20.97 -16.49
C LEU A 208 28.78 21.80 -16.03
N LEU A 209 28.08 22.41 -16.99
CA LEU A 209 26.93 23.29 -16.74
C LEU A 209 27.34 24.48 -15.88
N GLY A 210 28.61 24.51 -15.49
CA GLY A 210 29.31 25.72 -15.16
C GLY A 210 30.37 25.94 -16.25
N SER A 211 30.45 27.18 -16.72
CA SER A 211 31.03 27.62 -17.98
C SER A 211 30.13 27.24 -19.14
N ILE A 212 29.08 26.46 -18.90
CA ILE A 212 27.93 26.43 -19.78
C ILE A 212 26.88 27.42 -19.28
N PHE A 213 26.86 27.65 -17.99
CA PHE A 213 26.26 28.83 -17.36
C PHE A 213 27.39 29.61 -16.68
N GLY A 214 27.04 30.76 -16.09
CA GLY A 214 28.01 31.74 -15.63
C GLY A 214 29.09 31.28 -14.65
N ASN A 215 28.92 30.07 -14.10
CA ASN A 215 29.88 29.42 -13.20
C ASN A 215 29.85 30.01 -11.79
N ASP A 216 29.17 31.14 -11.63
CA ASP A 216 28.78 31.65 -10.31
C ASP A 216 27.27 31.74 -10.23
N SER A 217 26.56 31.12 -11.16
CA SER A 217 25.12 31.23 -11.25
C SER A 217 24.46 30.41 -10.14
N ALA A 218 23.16 30.63 -9.97
CA ALA A 218 22.39 29.84 -9.03
C ALA A 218 22.17 28.42 -9.54
N LEU A 219 22.15 28.24 -10.86
CA LEU A 219 21.93 26.93 -11.44
C LEU A 219 23.15 26.02 -11.32
N ASN A 220 24.31 26.55 -10.95
CA ASN A 220 25.51 25.75 -10.73
C ASN A 220 25.65 25.54 -9.23
N GLN A 221 24.98 24.49 -8.74
CA GLN A 221 24.97 24.15 -7.32
C GLN A 221 25.80 22.91 -7.05
N PRO A 222 26.23 22.70 -5.80
CA PRO A 222 26.90 21.44 -5.47
C PRO A 222 25.98 20.26 -5.75
N ASN A 223 26.59 19.15 -6.15
CA ASN A 223 25.85 18.01 -6.68
C ASN A 223 24.82 17.49 -5.69
N SER A 224 25.10 17.60 -4.39
CA SER A 224 24.17 17.11 -3.39
C SER A 224 22.83 17.85 -3.44
N VAL A 225 22.83 19.10 -3.90
CA VAL A 225 21.57 19.82 -4.08
C VAL A 225 20.73 19.17 -5.18
N TYR A 226 21.36 18.89 -6.33
CA TYR A 226 20.65 18.16 -7.37
C TYR A 226 20.18 16.81 -6.86
N GLY A 227 20.97 16.18 -5.98
CA GLY A 227 20.56 14.90 -5.43
C GLY A 227 19.28 15.00 -4.62
N ILE A 228 19.26 15.93 -3.66
CA ILE A 228 18.06 16.12 -2.85
C ILE A 228 16.86 16.40 -3.73
N VAL A 229 17.03 17.32 -4.70
CA VAL A 229 15.93 17.68 -5.58
C VAL A 229 15.46 16.46 -6.37
N PHE A 230 16.41 15.73 -6.97
CA PHE A 230 16.05 14.62 -7.84
C PHE A 230 15.34 13.52 -7.08
N TYR A 231 15.85 13.14 -5.90
CA TYR A 231 15.23 12.05 -5.17
C TYR A 231 13.88 12.46 -4.58
N ALA A 232 13.76 13.70 -4.10
CA ALA A 232 12.46 14.15 -3.60
C ALA A 232 11.44 14.23 -4.72
N PHE A 233 11.86 14.71 -5.89
CA PHE A 233 11.00 14.76 -7.07
C PHE A 233 10.57 13.36 -7.49
N GLN A 234 11.52 12.43 -7.54
CA GLN A 234 11.21 11.05 -7.88
C GLN A 234 10.21 10.45 -6.92
N LEU A 235 10.39 10.68 -5.62
CA LEU A 235 9.43 10.19 -4.63
C LEU A 235 8.05 10.79 -4.88
N LEU A 236 7.96 12.12 -4.88
CA LEU A 236 6.66 12.79 -4.96
C LEU A 236 5.93 12.48 -6.27
N LEU A 237 6.66 12.27 -7.37
CA LEU A 237 6.00 11.94 -8.62
C LEU A 237 5.74 10.45 -8.77
N GLY A 238 6.53 9.59 -8.10
CA GLY A 238 6.18 8.18 -8.05
C GLY A 238 4.93 7.91 -7.23
N MET A 239 4.60 8.81 -6.30
CA MET A 239 3.28 8.74 -5.68
C MET A 239 2.18 8.69 -6.73
N THR A 240 2.35 9.44 -7.82
CA THR A 240 1.35 9.53 -8.88
C THR A 240 1.57 8.44 -9.92
N VAL A 241 0.49 7.81 -10.36
CA VAL A 241 0.54 6.79 -11.40
C VAL A 241 -0.11 7.33 -12.67
N SER A 242 0.69 7.92 -13.55
CA SER A 242 0.20 8.49 -14.79
C SER A 242 1.21 8.22 -15.90
N ALA A 243 0.71 8.18 -17.13
CA ALA A 243 1.60 8.08 -18.27
C ALA A 243 2.56 9.26 -18.32
N MET A 244 2.04 10.47 -18.10
CA MET A 244 2.88 11.66 -18.03
C MET A 244 3.95 11.51 -16.96
N ALA A 245 3.53 11.16 -15.73
CA ALA A 245 4.48 11.00 -14.64
C ALA A 245 5.51 9.94 -14.94
N ALA A 246 5.08 8.82 -15.54
CA ALA A 246 6.00 7.74 -15.85
C ALA A 246 7.06 8.20 -16.87
N LEU A 247 6.63 8.93 -17.90
CA LEU A 247 7.59 9.45 -18.88
C LEU A 247 8.59 10.39 -18.21
N ILE A 248 8.10 11.29 -17.34
CA ILE A 248 8.99 12.26 -16.70
C ILE A 248 10.01 11.55 -15.82
N LEU A 249 9.56 10.57 -15.04
CA LEU A 249 10.47 9.81 -14.18
C LEU A 249 11.49 9.04 -15.00
N MET A 250 11.06 8.44 -16.12
CA MET A 250 12.00 7.75 -17.00
C MET A 250 13.08 8.70 -17.52
N THR A 251 12.66 9.89 -17.97
CA THR A 251 13.64 10.82 -18.54
C THR A 251 14.65 11.26 -17.48
N THR A 252 14.16 11.63 -16.30
CA THR A 252 15.07 12.02 -15.23
C THR A 252 15.99 10.88 -14.83
N SER A 253 15.49 9.63 -14.86
CA SER A 253 16.33 8.49 -14.47
C SER A 253 17.41 8.22 -15.51
N ILE A 254 17.09 8.42 -16.79
CA ILE A 254 18.12 8.28 -17.83
C ILE A 254 19.18 9.36 -17.67
N MET A 255 18.75 10.60 -17.38
CA MET A 255 19.72 11.65 -17.09
C MET A 255 20.60 11.29 -15.90
N SER A 256 19.99 10.74 -14.84
CA SER A 256 20.76 10.37 -13.66
C SER A 256 21.76 9.26 -13.97
N VAL A 257 21.40 8.29 -14.81
CA VAL A 257 22.34 7.20 -15.06
C VAL A 257 23.48 7.67 -15.95
N VAL A 258 23.21 8.58 -16.90
CA VAL A 258 24.32 9.06 -17.71
C VAL A 258 25.23 9.95 -16.89
N GLY A 259 24.66 10.76 -15.99
CA GLY A 259 25.48 11.54 -15.08
C GLY A 259 26.30 10.66 -14.14
N SER A 260 25.73 9.54 -13.70
CA SER A 260 26.47 8.64 -12.84
C SER A 260 27.61 7.98 -13.59
N LEU A 261 27.39 7.60 -14.85
CA LEU A 261 28.48 7.05 -15.64
C LEU A 261 29.59 8.08 -15.83
N TYR A 262 29.22 9.34 -16.09
CA TYR A 262 30.21 10.40 -16.26
C TYR A 262 31.05 10.58 -15.00
N LEU A 263 30.38 10.83 -13.87
CA LEU A 263 31.11 11.06 -12.63
C LEU A 263 31.90 9.83 -12.19
N GLY A 264 31.41 8.62 -12.50
CA GLY A 264 32.17 7.42 -12.19
C GLY A 264 33.42 7.29 -13.03
N TYR A 265 33.32 7.63 -14.32
CA TYR A 265 34.50 7.67 -15.17
C TYR A 265 35.53 8.62 -14.61
N ILE A 266 35.10 9.84 -14.24
CA ILE A 266 36.01 10.78 -13.59
C ILE A 266 36.64 10.14 -12.35
N LEU A 267 35.80 9.57 -11.48
CA LEU A 267 36.26 8.96 -10.23
C LEU A 267 37.33 7.90 -10.46
N TYR A 268 37.15 7.06 -11.46
CA TYR A 268 38.10 5.96 -11.64
C TYR A 268 39.34 6.41 -12.41
N PHE A 269 39.20 7.32 -13.38
CA PHE A 269 40.29 7.63 -14.30
C PHE A 269 40.87 9.02 -14.04
N VAL A 270 40.08 10.08 -14.18
CA VAL A 270 40.67 11.41 -14.27
C VAL A 270 40.70 12.12 -12.92
N LEU A 271 40.40 11.39 -11.85
CA LEU A 271 40.45 11.87 -10.48
C LEU A 271 40.54 10.60 -9.63
N LYS A 272 41.64 9.87 -9.81
CA LYS A 272 41.80 8.53 -9.28
C LYS A 272 41.64 8.48 -7.77
N ASP A 273 40.54 7.88 -7.30
CA ASP A 273 40.25 7.72 -5.88
C ASP A 273 39.09 6.77 -5.66
N LEU A 274 38.43 6.88 -4.52
CA LEU A 274 37.21 6.13 -4.24
C LEU A 274 36.28 7.00 -3.40
N CYS A 275 35.00 6.99 -3.75
CA CYS A 275 33.98 7.77 -3.06
C CYS A 275 32.79 6.85 -2.82
N VAL A 276 32.69 6.35 -1.58
CA VAL A 276 31.64 5.40 -1.24
C VAL A 276 30.26 6.03 -1.39
N ILE A 277 30.12 7.29 -0.96
CA ILE A 277 28.84 7.99 -1.11
C ILE A 277 28.46 8.08 -2.58
N CYS A 278 29.44 8.40 -3.43
CA CYS A 278 29.18 8.51 -4.86
C CYS A 278 28.74 7.17 -5.45
N VAL A 279 29.43 6.09 -5.12
CA VAL A 279 29.09 4.79 -5.69
C VAL A 279 27.72 4.34 -5.21
N THR A 280 27.41 4.60 -3.94
CA THR A 280 26.10 4.25 -3.44
C THR A 280 25.00 5.00 -4.17
N THR A 281 25.19 6.30 -4.40
CA THR A 281 24.17 7.04 -5.13
C THR A 281 24.07 6.58 -6.58
N TYR A 282 25.18 6.13 -7.18
CA TYR A 282 25.08 5.57 -8.52
C TYR A 282 24.22 4.31 -8.52
N ALA A 283 24.41 3.45 -7.51
CA ALA A 283 23.59 2.25 -7.41
C ALA A 283 22.13 2.61 -7.22
N LEU A 284 21.84 3.63 -6.41
CA LEU A 284 20.46 4.07 -6.22
C LEU A 284 19.87 4.60 -7.52
N ASN A 285 20.65 5.36 -8.29
CA ASN A 285 20.14 5.88 -9.55
C ASN A 285 19.82 4.75 -10.52
N PHE A 286 20.69 3.74 -10.57
CA PHE A 286 20.42 2.55 -11.40
C PHE A 286 19.14 1.84 -10.96
N ILE A 287 18.95 1.72 -9.65
CA ILE A 287 17.76 1.03 -9.14
C ILE A 287 16.51 1.80 -9.52
N LEU A 288 16.52 3.13 -9.33
CA LEU A 288 15.38 3.94 -9.75
C LEU A 288 15.15 3.82 -11.24
N PHE A 289 16.22 3.74 -12.02
CA PHE A 289 16.07 3.55 -13.46
C PHE A 289 15.31 2.26 -13.75
N VAL A 290 15.73 1.17 -13.12
CA VAL A 290 15.08 -0.12 -13.34
C VAL A 290 13.62 -0.08 -12.88
N LEU A 291 13.34 0.62 -11.77
CA LEU A 291 11.96 0.71 -11.30
C LEU A 291 11.09 1.52 -12.25
N ASN A 292 11.64 2.60 -12.80
CA ASN A 292 10.87 3.41 -13.73
C ASN A 292 10.61 2.64 -15.03
N TYR A 293 11.61 1.90 -15.51
CA TYR A 293 11.41 1.04 -16.67
C TYR A 293 10.35 -0.03 -16.40
N LYS A 294 10.42 -0.69 -15.23
CA LYS A 294 9.41 -1.67 -14.87
C LYS A 294 8.02 -1.04 -14.80
N ARG A 295 7.93 0.20 -14.32
CA ARG A 295 6.63 0.87 -14.28
C ARG A 295 6.09 1.08 -15.68
N LEU A 296 6.93 1.49 -16.63
CA LEU A 296 6.45 1.68 -18.00
C LEU A 296 6.05 0.35 -18.65
N VAL A 297 6.88 -0.68 -18.45
CA VAL A 297 6.56 -2.01 -18.97
C VAL A 297 5.23 -2.49 -18.42
N TYR A 298 5.02 -2.29 -17.11
CA TYR A 298 3.75 -2.68 -16.51
C TYR A 298 2.60 -1.87 -17.10
N LEU A 299 2.80 -0.57 -17.24
CA LEU A 299 1.76 0.28 -17.81
C LEU A 299 1.34 -0.20 -19.20
N ASN A 300 2.28 -0.77 -19.95
CA ASN A 300 1.96 -1.20 -21.31
C ASN A 300 1.49 -2.66 -21.41
N GLU A 301 1.88 -3.52 -20.46
CA GLU A 301 1.66 -4.96 -20.62
C GLU A 301 0.87 -5.58 -19.48
N ALA A 302 0.34 -4.76 -18.56
CA ALA A 302 -0.45 -5.28 -17.46
C ALA A 302 -1.74 -5.94 -17.95
N TRP A 303 -2.27 -5.47 -19.07
CA TRP A 303 -3.47 -6.10 -19.63
C TRP A 303 -3.21 -7.55 -20.02
N LYS A 304 -2.04 -7.83 -20.62
CA LYS A 304 -1.67 -9.22 -20.86
C LYS A 304 -1.44 -9.94 -19.55
N GLN A 305 -0.77 -9.28 -18.60
CA GLN A 305 -0.39 -9.97 -17.38
C GLN A 305 -1.51 -10.04 -16.35
N LYS A 306 -2.73 -9.61 -16.70
CA LYS A 306 -3.87 -9.94 -15.87
C LYS A 306 -4.03 -11.45 -15.78
N LEU A 307 -3.63 -12.17 -16.83
CA LEU A 307 -3.37 -13.60 -16.74
C LEU A 307 -2.16 -13.95 -17.62
N LYS A 310 -2.17 -12.80 -12.98
CA LYS A 310 -0.97 -12.73 -12.15
C LYS A 310 -0.68 -11.31 -11.65
N GLN A 311 -1.73 -10.51 -11.45
CA GLN A 311 -1.61 -9.25 -10.72
C GLN A 311 -1.90 -9.50 -9.24
N ASP A 312 -1.19 -8.78 -8.38
CA ASP A 312 -1.38 -8.95 -6.94
C ASP A 312 -2.74 -8.44 -6.51
N ASN A 313 -2.91 -7.11 -6.47
CA ASN A 313 -4.19 -6.50 -6.11
C ASN A 313 -4.65 -6.86 -4.70
N SER A 314 -3.72 -7.13 -3.79
CA SER A 314 -4.10 -7.47 -2.42
C SER A 314 -4.02 -6.26 -1.50
N HIS A 315 -4.90 -6.22 -0.52
CA HIS A 315 -4.95 -5.19 0.50
C HIS A 315 -4.79 -5.86 1.86
N ASN A 316 -3.89 -5.32 2.67
CA ASN A 316 -3.61 -5.86 4.00
C ASN A 316 -4.47 -5.19 5.04
N VAL A 317 -5.11 -5.99 5.89
CA VAL A 317 -5.86 -5.48 7.02
C VAL A 317 -5.10 -5.89 8.28
N TYR A 318 -4.62 -4.89 9.02
CA TYR A 318 -3.70 -5.12 10.12
C TYR A 318 -4.49 -5.29 11.40
N ILE A 319 -4.35 -6.45 12.02
CA ILE A 319 -5.08 -6.84 13.21
C ILE A 319 -4.14 -6.83 14.40
N THR A 320 -4.64 -6.31 15.53
CA THR A 320 -4.00 -6.40 16.83
C THR A 320 -5.03 -6.84 17.87
N ALA A 321 -4.56 -7.42 18.96
CA ALA A 321 -5.46 -7.91 20.00
C ALA A 321 -5.96 -6.74 20.85
N ASP A 322 -7.15 -6.93 21.45
CA ASP A 322 -7.80 -5.92 22.31
C ASP A 322 -8.29 -6.66 23.55
N LYS A 323 -7.38 -6.87 24.51
CA LYS A 323 -7.69 -7.69 25.67
C LYS A 323 -8.74 -7.04 26.57
N GLN A 324 -8.76 -5.71 26.64
CA GLN A 324 -9.73 -5.04 27.50
C GLN A 324 -11.17 -5.31 27.07
N LYS A 325 -11.39 -5.63 25.80
CA LYS A 325 -12.74 -5.92 25.31
C LYS A 325 -12.88 -7.38 24.89
N ASN A 326 -11.87 -8.21 25.16
CA ASN A 326 -11.86 -9.61 24.75
C ASN A 326 -12.00 -9.76 23.24
N GLY A 327 -11.47 -8.79 22.49
CA GLY A 327 -11.65 -8.82 21.05
C GLY A 327 -10.42 -8.45 20.26
N ILE A 328 -10.63 -7.86 19.08
CA ILE A 328 -9.54 -7.42 18.23
C ILE A 328 -9.86 -6.05 17.67
N LYS A 329 -8.80 -5.33 17.32
CA LYS A 329 -8.91 -4.11 16.54
C LYS A 329 -8.16 -4.33 15.23
N ALA A 330 -8.54 -3.54 14.23
CA ALA A 330 -7.82 -3.59 12.98
C ALA A 330 -7.88 -2.22 12.34
N ASN A 331 -6.87 -1.95 11.53
CA ASN A 331 -6.80 -0.72 10.77
C ASN A 331 -6.32 -1.07 9.38
N PHE A 332 -6.71 -0.25 8.41
CA PHE A 332 -6.16 -0.40 7.07
C PHE A 332 -6.67 0.72 6.20
N LYS A 333 -6.05 0.86 5.04
CA LYS A 333 -6.39 1.90 4.09
C LYS A 333 -6.69 1.26 2.74
N ILE A 334 -7.79 1.69 2.14
CA ILE A 334 -8.14 1.30 0.77
C ILE A 334 -7.98 2.52 -0.11
N ARG A 335 -7.25 2.37 -1.22
CA ARG A 335 -7.14 3.45 -2.20
C ARG A 335 -8.04 3.08 -3.39
N HIS A 336 -9.19 3.76 -3.49
CA HIS A 336 -10.08 3.61 -4.62
C HIS A 336 -9.58 4.45 -5.78
N ASN A 337 -9.51 3.87 -6.97
CA ASN A 337 -9.07 4.62 -8.13
C ASN A 337 -10.24 5.43 -8.70
N VAL A 338 -9.97 6.68 -9.05
CA VAL A 338 -10.98 7.59 -9.58
C VAL A 338 -10.83 7.63 -11.09
N GLU A 339 -11.96 7.76 -11.79
CA GLU A 339 -11.98 7.69 -13.24
C GLU A 339 -10.99 8.65 -13.88
N ASP A 340 -10.90 9.87 -13.35
CA ASP A 340 -10.01 10.87 -13.94
C ASP A 340 -8.56 10.73 -13.49
N GLY A 341 -8.19 9.58 -12.91
CA GLY A 341 -6.81 9.27 -12.61
C GLY A 341 -6.37 9.58 -11.19
N SER A 342 -7.19 10.27 -10.41
CA SER A 342 -6.81 10.54 -9.03
C SER A 342 -7.19 9.34 -8.16
N VAL A 343 -6.97 9.48 -6.85
CA VAL A 343 -7.20 8.40 -5.90
C VAL A 343 -8.04 8.91 -4.74
N GLN A 344 -8.97 8.09 -4.28
CA GLN A 344 -9.85 8.38 -3.16
C GLN A 344 -9.44 7.44 -2.03
N LEU A 345 -8.91 8.01 -0.95
CA LEU A 345 -8.42 7.23 0.18
C LEU A 345 -9.55 6.96 1.16
N ALA A 346 -9.57 5.75 1.74
CA ALA A 346 -10.56 5.36 2.74
C ALA A 346 -9.84 4.70 3.91
N ASP A 347 -9.83 5.39 5.04
CA ASP A 347 -9.24 4.90 6.28
C ASP A 347 -10.25 4.09 7.06
N HIS A 348 -9.95 2.82 7.30
CA HIS A 348 -10.81 1.89 8.02
C HIS A 348 -10.27 1.68 9.43
N TYR A 349 -11.14 1.91 10.42
CA TYR A 349 -10.90 1.59 11.82
C TYR A 349 -11.95 0.59 12.27
N GLN A 350 -11.52 -0.51 12.88
CA GLN A 350 -12.39 -1.65 13.06
C GLN A 350 -12.19 -2.23 14.46
N GLN A 351 -13.28 -2.66 15.08
CA GLN A 351 -13.20 -3.44 16.31
C GLN A 351 -14.18 -4.59 16.23
N ASN A 352 -13.79 -5.73 16.80
CA ASN A 352 -14.62 -6.93 16.83
C ASN A 352 -14.63 -7.47 18.24
N THR A 353 -15.85 -7.71 18.75
CA THR A 353 -16.03 -8.29 20.06
C THR A 353 -16.93 -9.51 19.96
N PRO A 354 -16.66 -10.56 20.74
CA PRO A 354 -17.50 -11.76 20.67
C PRO A 354 -18.90 -11.50 21.21
N ILE A 355 -19.88 -12.20 20.62
CA ILE A 355 -21.26 -12.08 21.07
C ILE A 355 -21.51 -12.95 22.29
N GLY A 356 -20.98 -14.18 22.28
CA GLY A 356 -21.21 -15.13 23.34
C GLY A 356 -20.09 -15.12 24.37
N ASP A 357 -20.24 -16.00 25.36
CA ASP A 357 -19.28 -16.18 26.43
C ASP A 357 -18.59 -17.53 26.21
N GLY A 358 -17.43 -17.49 25.58
CA GLY A 358 -16.67 -18.68 25.31
C GLY A 358 -15.24 -18.30 25.03
N PRO A 359 -14.33 -19.27 25.14
CA PRO A 359 -12.91 -18.97 24.87
C PRO A 359 -12.71 -18.49 23.45
N VAL A 360 -12.25 -17.25 23.31
CA VAL A 360 -11.87 -16.69 22.01
C VAL A 360 -10.36 -16.56 21.97
N LEU A 361 -9.80 -16.60 20.76
CA LEU A 361 -8.37 -16.49 20.57
C LEU A 361 -7.99 -15.02 20.42
N LEU A 362 -7.08 -14.55 21.28
CA LEU A 362 -6.55 -13.21 21.15
C LEU A 362 -5.21 -13.27 20.42
N PRO A 363 -5.09 -12.67 19.24
CA PRO A 363 -3.93 -12.93 18.39
C PRO A 363 -2.75 -12.00 18.64
N ASP A 364 -1.57 -12.50 18.27
CA ASP A 364 -0.45 -11.61 18.02
C ASP A 364 -0.76 -10.78 16.75
N ASN A 365 -0.06 -9.65 16.61
CA ASN A 365 -0.31 -8.75 15.49
C ASN A 365 -0.03 -9.45 14.17
N HIS A 366 -0.99 -9.36 13.25
CA HIS A 366 -0.78 -10.01 11.95
C HIS A 366 -1.66 -9.29 10.95
N TYR A 367 -1.74 -9.79 9.72
CA TYR A 367 -2.65 -9.15 8.79
C TYR A 367 -3.32 -10.17 7.90
N LEU A 368 -4.43 -9.74 7.31
CA LEU A 368 -5.10 -10.49 6.27
C LEU A 368 -4.77 -9.85 4.93
N SER A 369 -4.32 -10.66 3.98
CA SER A 369 -4.08 -10.25 2.60
C SER A 369 -5.31 -10.61 1.78
N THR A 370 -5.98 -9.59 1.25
CA THR A 370 -7.32 -9.71 0.68
C THR A 370 -7.32 -9.25 -0.77
N GLN A 371 -7.83 -10.10 -1.67
CA GLN A 371 -7.95 -9.78 -3.09
C GLN A 371 -9.41 -9.92 -3.51
N SER A 372 -9.94 -8.89 -4.17
CA SER A 372 -11.32 -8.87 -4.62
C SER A 372 -11.40 -8.75 -6.13
N VAL A 373 -12.34 -9.47 -6.74
CA VAL A 373 -12.70 -9.33 -8.14
C VAL A 373 -14.18 -8.97 -8.20
N LEU A 374 -14.49 -7.85 -8.87
CA LEU A 374 -15.85 -7.33 -8.98
C LEU A 374 -16.34 -7.50 -10.41
N SER A 375 -17.57 -7.96 -10.56
CA SER A 375 -18.12 -8.20 -11.89
C SER A 375 -19.63 -8.03 -11.86
N LYS A 376 -20.26 -8.32 -13.00
CA LYS A 376 -21.70 -8.19 -13.21
C LYS A 376 -22.29 -9.53 -13.63
N ASP A 377 -23.59 -9.64 -13.38
CA ASP A 377 -24.38 -10.77 -13.85
C ASP A 377 -25.25 -10.26 -14.99
N PRO A 378 -24.98 -10.64 -16.25
CA PRO A 378 -25.75 -10.08 -17.36
C PRO A 378 -27.21 -10.53 -17.37
N ASN A 379 -27.58 -11.52 -16.54
CA ASN A 379 -28.99 -11.89 -16.38
C ASN A 379 -29.69 -11.03 -15.34
N GLU A 380 -28.94 -10.33 -14.48
CA GLU A 380 -29.51 -9.54 -13.41
C GLU A 380 -29.87 -8.16 -13.91
N LYS A 381 -31.17 -7.84 -13.88
CA LYS A 381 -31.61 -6.50 -14.25
C LYS A 381 -31.53 -5.49 -13.11
N ARG A 382 -31.38 -5.93 -11.87
CA ARG A 382 -31.30 -4.99 -10.75
C ARG A 382 -29.86 -4.52 -10.54
N ASP A 383 -29.73 -3.39 -9.84
CA ASP A 383 -28.42 -2.90 -9.43
C ASP A 383 -27.77 -3.92 -8.51
N HIS A 384 -26.57 -4.37 -8.86
CA HIS A 384 -26.01 -5.56 -8.25
C HIS A 384 -24.50 -5.57 -8.42
N MET A 385 -23.86 -6.51 -7.73
CA MET A 385 -22.42 -6.69 -7.76
C MET A 385 -22.14 -8.17 -7.54
N VAL A 386 -21.30 -8.78 -8.38
CA VAL A 386 -20.78 -10.12 -8.13
C VAL A 386 -19.35 -10.00 -7.61
N LEU A 387 -19.04 -10.79 -6.59
CA LEU A 387 -17.82 -10.60 -5.81
C LEU A 387 -17.13 -11.95 -5.65
N LEU A 388 -15.87 -12.00 -6.06
CA LEU A 388 -15.00 -13.13 -5.78
C LEU A 388 -13.88 -12.64 -4.88
N GLU A 389 -13.73 -13.26 -3.71
CA GLU A 389 -12.74 -12.80 -2.73
C GLU A 389 -11.78 -13.93 -2.39
N PHE A 390 -10.50 -13.57 -2.22
CA PHE A 390 -9.47 -14.47 -1.74
C PHE A 390 -8.78 -13.83 -0.53
N VAL A 391 -8.80 -14.52 0.61
CA VAL A 391 -8.28 -13.94 1.84
C VAL A 391 -7.37 -14.94 2.54
N THR A 392 -6.14 -14.53 2.82
CA THR A 392 -5.24 -15.40 3.55
C THR A 392 -4.51 -14.61 4.62
N ALA A 393 -4.36 -15.21 5.79
CA ALA A 393 -3.63 -14.60 6.89
C ALA A 393 -2.12 -14.70 6.66
N ALA A 394 -1.39 -13.69 7.11
CA ALA A 394 0.06 -13.70 6.98
C ALA A 394 0.67 -12.80 8.04
N GLY A 395 2.00 -12.72 8.02
CA GLY A 395 2.74 -11.81 8.86
C GLY A 395 3.60 -12.46 9.94
N ILE A 396 3.58 -13.79 10.08
CA ILE A 396 4.22 -14.48 11.20
C ILE A 396 4.92 -15.74 10.72
N THR A 397 6.25 -15.74 10.76
CA THR A 397 7.06 -16.94 10.52
C THR A 397 8.30 -16.90 11.42
N HIS A 398 9.10 -17.96 11.37
CA HIS A 398 10.39 -17.99 12.07
C HIS A 398 11.55 -17.56 11.19
N GLY A 399 11.44 -17.82 9.88
CA GLY A 399 12.59 -17.72 9.00
C GLY A 399 12.79 -16.35 8.38
N MET A 400 14.05 -16.05 8.09
CA MET A 400 14.43 -14.74 7.54
C MET A 400 14.18 -14.64 6.04
N ASP A 401 14.21 -15.78 5.32
CA ASP A 401 14.11 -15.72 3.87
C ASP A 401 12.83 -15.03 3.41
N GLU A 402 11.74 -15.15 4.16
CA GLU A 402 10.55 -14.32 3.97
C GLU A 402 10.36 -13.46 5.22
N LEU A 403 11.25 -12.48 5.39
CA LEU A 403 11.13 -11.50 6.46
C LEU A 403 10.41 -10.24 6.02
N TYR A 404 10.56 -9.85 4.75
CA TYR A 404 9.83 -8.72 4.19
C TYR A 404 8.33 -8.94 4.22
N LYS A 405 7.87 -10.17 4.47
CA LYS A 405 6.45 -10.45 4.65
C LYS A 405 5.97 -10.20 6.07
N SER A 406 6.87 -10.01 7.02
CA SER A 406 6.47 -9.93 8.43
C SER A 406 5.64 -8.69 8.68
N ASN A 407 4.71 -8.81 9.63
CA ASN A 407 3.79 -7.72 9.96
C ASN A 407 4.53 -6.44 10.36
N SER A 408 5.63 -6.60 11.10
CA SER A 408 6.38 -5.43 11.60
C SER A 408 6.92 -4.57 10.47
N LEU A 409 7.23 -5.18 9.33
CA LEU A 409 7.70 -4.41 8.18
C LEU A 409 6.56 -3.92 7.29
N GLU A 410 5.51 -4.73 7.16
CA GLU A 410 4.38 -4.37 6.31
C GLU A 410 3.62 -3.15 6.86
N VAL A 411 3.42 -3.10 8.18
CA VAL A 411 2.67 -2.00 8.79
C VAL A 411 3.24 -0.65 8.42
N LEU A 412 4.58 -0.55 8.31
CA LEU A 412 5.18 0.75 8.03
C LEU A 412 4.81 1.28 6.65
N PHE A 413 4.49 0.40 5.70
CA PHE A 413 4.22 0.79 4.32
C PHE A 413 2.75 0.54 4.04
N GLN A 414 1.91 1.46 4.51
CA GLN A 414 0.48 1.35 4.22
C GLN A 414 -0.13 2.73 3.96
C10 OLC B . 16.45 17.75 -10.65
C9 OLC B . 16.47 17.00 -11.74
C8 OLC B . 17.81 16.52 -12.28
C24 OLC B . 23.98 13.40 -4.46
C7 OLC B . 17.59 15.37 -13.27
C6 OLC B . 18.90 14.63 -13.55
C5 OLC B . 19.91 14.83 -12.41
C4 OLC B . 20.44 13.51 -11.91
C3 OLC B . 20.83 13.64 -10.45
C2 OLC B . 21.61 12.42 -9.96
C21 OLC B . 22.84 12.18 -6.36
C1 OLC B . 21.89 12.68 -8.48
C22 OLC B . 23.78 13.34 -5.99
O19 OLC B . 21.30 13.58 -7.97
O25 OLC B . 25.00 12.52 -4.04
O23 OLC B . 25.01 13.22 -6.63
O20 OLC B . 22.84 11.94 -7.75
#